data_1D1P
#
_entry.id   1D1P
#
_cell.length_a   41.586
_cell.length_b   67.647
_cell.length_c   115.162
_cell.angle_alpha   90.00
_cell.angle_beta   90.00
_cell.angle_gamma   90.00
#
_symmetry.space_group_name_H-M   'P 21 21 21'
#
loop_
_entity.id
_entity.type
_entity.pdbx_description
1 polymer 'TYROSINE PHOSPHATASE'
2 non-polymer '4-(2-HYDROXYETHYL)-1-PIPERAZINE ETHANESULFONIC ACID'
3 water water
#
_entity_poly.entity_id   1
_entity_poly.type   'polypeptide(L)'
_entity_poly.pdbx_seq_one_letter_code
;TIEKPKISVAFICLGNFCRSPMAEAIFKHEVEKANLENRFNKIDSFGTSNYHVGESPDHRTVSICKQHGVKINHKGKQIK
TKHFDEYDYIIGMDESNINNLKKIQPEGSKAKVCLFGDWNTNDGTVQTIIEDPWYGDIQDFEYNFKQITYFSKQFLKKEL
;
_entity_poly.pdbx_strand_id   A,B
#
loop_
_chem_comp.id
_chem_comp.type
_chem_comp.name
_chem_comp.formula
EPE non-polymer '4-(2-HYDROXYETHYL)-1-PIPERAZINE ETHANESULFONIC ACID' 'C8 H18 N2 O4 S'
#
# COMPACT_ATOMS: atom_id res chain seq x y z
N PRO A 5 -10.52 -15.94 5.89
CA PRO A 5 -10.64 -16.75 4.65
C PRO A 5 -11.34 -15.98 3.52
N LYS A 6 -12.42 -15.28 3.86
CA LYS A 6 -13.15 -14.47 2.88
C LYS A 6 -12.82 -13.03 3.26
N ILE A 7 -12.87 -12.09 2.32
CA ILE A 7 -12.55 -10.73 2.72
C ILE A 7 -13.77 -9.83 2.67
N SER A 8 -13.70 -8.76 3.46
CA SER A 8 -14.76 -7.75 3.56
C SER A 8 -14.18 -6.39 3.14
N VAL A 9 -14.93 -5.67 2.30
CA VAL A 9 -14.52 -4.38 1.76
C VAL A 9 -15.59 -3.33 1.98
N ALA A 10 -15.17 -2.15 2.41
CA ALA A 10 -16.10 -1.02 2.58
C ALA A 10 -15.59 0.17 1.73
N PHE A 11 -16.48 0.83 1.00
CA PHE A 11 -16.10 2.00 0.21
C PHE A 11 -16.61 3.20 0.97
N ILE A 12 -15.82 4.26 0.99
CA ILE A 12 -16.20 5.45 1.74
C ILE A 12 -16.09 6.72 0.94
N CYS A 13 -17.05 7.61 1.11
CA CYS A 13 -16.96 8.91 0.47
C CYS A 13 -17.46 9.87 1.56
N LEU A 14 -17.65 11.15 1.26
CA LEU A 14 -18.09 12.09 2.29
C LEU A 14 -19.54 11.90 2.76
N GLY A 15 -20.47 11.86 1.81
CA GLY A 15 -21.84 11.70 2.21
C GLY A 15 -22.50 10.37 1.91
N ASN A 16 -21.78 9.35 1.45
CA ASN A 16 -22.36 8.05 1.07
C ASN A 16 -23.62 8.33 0.22
N PHE A 17 -23.51 9.26 -0.71
CA PHE A 17 -24.63 9.69 -1.50
C PHE A 17 -24.43 9.64 -3.01
N CYS A 18 -23.25 10.06 -3.50
CA CYS A 18 -23.00 10.03 -4.92
C CYS A 18 -22.03 8.95 -5.30
N ARG A 19 -20.84 9.00 -4.69
CA ARG A 19 -19.73 8.07 -4.98
C ARG A 19 -19.61 6.70 -4.38
N SER A 20 -19.59 6.57 -3.05
CA SER A 20 -19.39 5.23 -2.50
C SER A 20 -20.55 4.25 -2.81
N PRO A 21 -21.82 4.71 -2.91
CA PRO A 21 -22.90 3.76 -3.24
C PRO A 21 -22.63 3.20 -4.64
N MET A 22 -22.07 4.05 -5.50
CA MET A 22 -21.73 3.66 -6.85
C MET A 22 -20.61 2.67 -6.82
N ALA A 23 -19.59 2.94 -6.00
CA ALA A 23 -18.45 2.02 -5.91
C ALA A 23 -18.90 0.66 -5.40
N GLU A 24 -19.80 0.66 -4.43
CA GLU A 24 -20.29 -0.59 -3.87
C GLU A 24 -21.05 -1.41 -4.94
N ALA A 25 -21.96 -0.75 -5.66
CA ALA A 25 -22.77 -1.41 -6.69
C ALA A 25 -21.91 -1.98 -7.81
N ILE A 26 -20.99 -1.16 -8.33
CA ILE A 26 -20.13 -1.59 -9.39
C ILE A 26 -19.24 -2.73 -8.94
N PHE A 27 -18.68 -2.62 -7.75
CA PHE A 27 -17.81 -3.68 -7.26
C PHE A 27 -18.54 -5.03 -7.08
N LYS A 28 -19.74 -5.00 -6.52
CA LYS A 28 -20.54 -6.22 -6.33
C LYS A 28 -20.76 -6.85 -7.71
N HIS A 29 -21.05 -5.98 -8.67
CA HIS A 29 -21.28 -6.38 -10.04
C HIS A 29 -20.10 -7.08 -10.73
N GLU A 30 -18.92 -6.54 -10.56
CA GLU A 30 -17.75 -7.14 -11.17
C GLU A 30 -17.40 -8.46 -10.48
N VAL A 31 -17.58 -8.50 -9.17
CA VAL A 31 -17.29 -9.72 -8.46
C VAL A 31 -18.22 -10.82 -9.08
N GLU A 32 -19.49 -10.48 -9.31
CA GLU A 32 -20.43 -11.42 -9.92
C GLU A 32 -19.88 -11.86 -11.27
N LYS A 33 -19.72 -10.89 -12.16
CA LYS A 33 -19.18 -11.16 -13.49
C LYS A 33 -18.06 -12.19 -13.45
N ALA A 34 -17.15 -12.02 -12.50
CA ALA A 34 -16.00 -12.90 -12.43
C ALA A 34 -16.15 -14.16 -11.59
N ASN A 35 -17.30 -14.37 -10.97
CA ASN A 35 -17.52 -15.56 -10.12
C ASN A 35 -16.53 -15.61 -8.95
N LEU A 36 -16.43 -14.48 -8.27
CA LEU A 36 -15.52 -14.37 -7.13
C LEU A 36 -16.30 -14.19 -5.85
N GLU A 37 -17.63 -14.25 -5.97
CA GLU A 37 -18.51 -14.07 -4.82
C GLU A 37 -18.12 -14.87 -3.59
N ASN A 38 -17.56 -16.06 -3.79
CA ASN A 38 -17.17 -16.92 -2.68
C ASN A 38 -15.98 -16.37 -1.95
N ARG A 39 -15.26 -15.45 -2.58
CA ARG A 39 -14.10 -14.90 -1.92
C ARG A 39 -14.47 -13.77 -0.99
N PHE A 40 -15.70 -13.28 -1.04
CA PHE A 40 -16.07 -12.15 -0.19
C PHE A 40 -17.09 -12.43 0.87
N ASN A 41 -17.00 -11.70 1.97
CA ASN A 41 -17.97 -11.84 3.05
C ASN A 41 -18.91 -10.62 3.05
N LYS A 42 -18.39 -9.42 3.30
CA LYS A 42 -19.25 -8.24 3.25
C LYS A 42 -18.70 -7.23 2.24
N ILE A 43 -19.59 -6.55 1.52
CA ILE A 43 -19.20 -5.49 0.60
C ILE A 43 -20.19 -4.35 0.86
N ASP A 44 -19.72 -3.28 1.51
CA ASP A 44 -20.57 -2.14 1.88
C ASP A 44 -20.00 -0.76 1.51
N SER A 45 -20.78 0.27 1.83
CA SER A 45 -20.37 1.63 1.58
C SER A 45 -20.94 2.47 2.72
N PHE A 46 -20.14 3.44 3.18
CA PHE A 46 -20.49 4.35 4.27
C PHE A 46 -20.00 5.74 3.90
N GLY A 47 -20.45 6.73 4.64
CA GLY A 47 -20.00 8.10 4.43
C GLY A 47 -19.36 8.55 5.76
N THR A 48 -18.51 9.57 5.74
CA THR A 48 -17.89 10.03 6.98
C THR A 48 -18.87 10.93 7.70
N SER A 49 -19.68 11.68 6.96
CA SER A 49 -20.69 12.54 7.60
C SER A 49 -22.05 11.81 7.74
N ASN A 50 -22.99 12.39 8.48
CA ASN A 50 -24.27 11.73 8.68
C ASN A 50 -25.35 12.49 7.98
N TYR A 51 -24.96 13.49 7.22
CA TYR A 51 -25.93 14.27 6.49
C TYR A 51 -26.94 13.57 5.58
N HIS A 52 -26.66 12.38 5.06
CA HIS A 52 -27.65 11.71 4.18
C HIS A 52 -27.98 10.33 4.68
N VAL A 53 -27.81 10.13 5.98
CA VAL A 53 -28.11 8.83 6.54
C VAL A 53 -29.59 8.57 6.26
N GLY A 54 -29.90 7.34 5.89
CA GLY A 54 -31.27 6.97 5.61
C GLY A 54 -31.73 7.28 4.21
N GLU A 55 -30.98 8.12 3.48
CA GLU A 55 -31.35 8.49 2.11
C GLU A 55 -30.88 7.55 1.00
N SER A 56 -31.65 7.50 -0.09
CA SER A 56 -31.28 6.68 -1.24
C SER A 56 -30.25 7.52 -2.01
N PRO A 57 -29.41 6.88 -2.84
CA PRO A 57 -28.41 7.64 -3.59
C PRO A 57 -28.89 8.75 -4.53
N ASP A 58 -27.97 9.64 -4.85
CA ASP A 58 -28.22 10.72 -5.79
C ASP A 58 -28.94 10.08 -7.03
N HIS A 59 -29.98 10.73 -7.53
CA HIS A 59 -30.66 10.16 -8.70
C HIS A 59 -29.73 10.00 -9.91
N ARG A 60 -28.70 10.86 -10.03
CA ARG A 60 -27.76 10.75 -11.16
C ARG A 60 -26.85 9.54 -10.97
N THR A 61 -26.59 9.16 -9.72
CA THR A 61 -25.77 7.97 -9.51
C THR A 61 -26.64 6.76 -9.92
N VAL A 62 -27.91 6.76 -9.50
CA VAL A 62 -28.79 5.66 -9.87
C VAL A 62 -28.98 5.59 -11.40
N SER A 63 -29.23 6.73 -12.04
CA SER A 63 -29.38 6.73 -13.51
C SER A 63 -28.20 6.18 -14.27
N ILE A 64 -26.98 6.53 -13.84
CA ILE A 64 -25.79 6.06 -14.52
C ILE A 64 -25.64 4.56 -14.36
N CYS A 65 -25.89 4.06 -13.16
CA CYS A 65 -25.82 2.63 -12.89
C CYS A 65 -26.84 1.90 -13.78
N LYS A 66 -28.08 2.35 -13.77
CA LYS A 66 -29.14 1.75 -14.57
C LYS A 66 -28.71 1.74 -16.03
N GLN A 67 -28.13 2.86 -16.44
CA GLN A 67 -27.68 2.99 -17.81
C GLN A 67 -26.67 1.92 -18.24
N HIS A 68 -25.90 1.41 -17.30
CA HIS A 68 -24.91 0.38 -17.58
C HIS A 68 -25.36 -1.00 -17.11
N GLY A 69 -26.62 -1.12 -16.73
CA GLY A 69 -27.11 -2.40 -16.27
C GLY A 69 -26.49 -2.83 -14.96
N VAL A 70 -26.24 -1.89 -14.05
CA VAL A 70 -25.68 -2.25 -12.75
C VAL A 70 -26.79 -2.03 -11.75
N LYS A 71 -27.02 -3.01 -10.90
CA LYS A 71 -28.09 -2.90 -9.91
C LYS A 71 -27.62 -2.12 -8.69
N ILE A 72 -28.47 -1.25 -8.18
CA ILE A 72 -28.12 -0.47 -7.01
C ILE A 72 -29.31 -0.26 -6.08
N ASN A 73 -29.12 -0.64 -4.82
CA ASN A 73 -30.13 -0.48 -3.79
C ASN A 73 -29.43 -0.17 -2.49
N HIS A 74 -29.54 1.07 -2.02
CA HIS A 74 -28.81 1.50 -0.83
C HIS A 74 -29.46 2.63 -0.07
N LYS A 75 -29.21 2.68 1.25
CA LYS A 75 -29.69 3.80 2.07
C LYS A 75 -28.44 4.27 2.79
N GLY A 76 -28.24 5.57 2.86
CA GLY A 76 -27.04 6.07 3.49
C GLY A 76 -26.78 5.69 4.94
N LYS A 77 -25.55 5.28 5.24
CA LYS A 77 -25.16 4.98 6.61
C LYS A 77 -23.79 5.62 6.86
N GLN A 78 -23.47 5.86 8.12
CA GLN A 78 -22.21 6.50 8.48
C GLN A 78 -21.22 5.54 9.09
N ILE A 79 -19.95 5.62 8.68
CA ILE A 79 -18.92 4.74 9.25
C ILE A 79 -18.82 5.01 10.75
N LYS A 80 -18.46 3.98 11.52
CA LYS A 80 -18.32 4.03 12.99
C LYS A 80 -16.97 3.35 13.28
N THR A 81 -16.37 3.65 14.44
CA THR A 81 -15.07 3.07 14.76
C THR A 81 -15.10 1.58 14.79
N LYS A 82 -16.24 0.99 15.13
CA LYS A 82 -16.27 -0.46 15.18
C LYS A 82 -15.99 -1.08 13.82
N HIS A 83 -16.37 -0.39 12.74
CA HIS A 83 -16.17 -0.89 11.40
C HIS A 83 -14.71 -1.16 11.06
N PHE A 84 -13.80 -0.46 11.74
CA PHE A 84 -12.37 -0.63 11.49
C PHE A 84 -11.90 -1.99 11.90
N ASP A 85 -12.72 -2.71 12.66
CA ASP A 85 -12.35 -4.05 13.05
C ASP A 85 -13.17 -5.10 12.27
N GLU A 86 -14.16 -4.63 11.53
CA GLU A 86 -15.03 -5.51 10.76
C GLU A 86 -14.65 -5.68 9.28
N TYR A 87 -13.88 -4.76 8.74
CA TYR A 87 -13.49 -4.86 7.33
C TYR A 87 -12.00 -4.96 7.13
N ASP A 88 -11.59 -5.67 6.08
CA ASP A 88 -10.18 -5.85 5.76
C ASP A 88 -9.65 -4.64 4.98
N TYR A 89 -10.54 -4.04 4.19
CA TYR A 89 -10.20 -2.88 3.39
C TYR A 89 -11.27 -1.82 3.52
N ILE A 90 -10.85 -0.59 3.84
CA ILE A 90 -11.75 0.58 3.95
C ILE A 90 -11.15 1.48 2.87
N ILE A 91 -11.92 1.65 1.80
CA ILE A 91 -11.47 2.37 0.61
C ILE A 91 -12.08 3.74 0.38
N GLY A 92 -11.24 4.78 0.46
CA GLY A 92 -11.73 6.14 0.25
C GLY A 92 -11.71 6.56 -1.21
N MET A 93 -12.46 7.61 -1.55
CA MET A 93 -12.54 8.09 -2.93
C MET A 93 -11.47 9.17 -3.24
N ASP A 94 -11.26 10.10 -2.30
CA ASP A 94 -10.27 11.17 -2.47
C ASP A 94 -9.46 11.34 -1.20
N GLU A 95 -8.47 12.21 -1.25
CA GLU A 95 -7.57 12.44 -0.13
C GLU A 95 -8.23 12.99 1.13
N SER A 96 -9.21 13.85 0.97
CA SER A 96 -9.91 14.36 2.14
C SER A 96 -10.61 13.19 2.87
N ASN A 97 -11.05 12.17 2.13
CA ASN A 97 -11.72 11.03 2.78
C ASN A 97 -10.67 10.34 3.62
N ILE A 98 -9.54 10.04 3.01
CA ILE A 98 -8.44 9.37 3.70
C ILE A 98 -8.01 10.12 4.96
N ASN A 99 -7.87 11.44 4.88
CA ASN A 99 -7.44 12.22 6.06
C ASN A 99 -8.40 11.97 7.24
N ASN A 100 -9.69 12.12 7.01
CA ASN A 100 -10.67 11.92 8.07
C ASN A 100 -10.65 10.48 8.62
N LEU A 101 -10.47 9.50 7.73
CA LEU A 101 -10.47 8.10 8.12
C LEU A 101 -9.28 7.77 9.00
N LYS A 102 -8.11 8.27 8.62
CA LYS A 102 -6.92 8.02 9.44
C LYS A 102 -7.06 8.65 10.81
N LYS A 103 -7.74 9.79 10.93
CA LYS A 103 -7.92 10.40 12.22
C LYS A 103 -8.82 9.60 13.13
N ILE A 104 -9.86 8.96 12.58
CA ILE A 104 -10.77 8.24 13.45
C ILE A 104 -10.39 6.78 13.65
N GLN A 105 -9.42 6.32 12.88
CA GLN A 105 -9.01 4.96 12.97
C GLN A 105 -8.32 4.55 14.25
N PRO A 106 -8.88 3.57 14.96
CA PRO A 106 -8.32 3.04 16.21
C PRO A 106 -6.95 2.42 15.91
N GLU A 107 -5.95 2.72 16.73
CA GLU A 107 -4.62 2.15 16.54
C GLU A 107 -4.78 0.66 16.75
N GLY A 108 -4.11 -0.15 15.95
CA GLY A 108 -4.22 -1.59 16.09
C GLY A 108 -5.48 -2.25 15.52
N SER A 109 -6.33 -1.47 14.88
CA SER A 109 -7.53 -2.02 14.30
C SER A 109 -7.09 -2.73 12.98
N LYS A 110 -7.87 -3.72 12.56
CA LYS A 110 -7.61 -4.56 11.40
C LYS A 110 -7.61 -3.91 10.02
N ALA A 111 -8.63 -3.10 9.74
CA ALA A 111 -8.76 -2.44 8.45
C ALA A 111 -7.51 -1.75 7.87
N LYS A 112 -7.28 -1.94 6.57
CA LYS A 112 -6.20 -1.25 5.87
C LYS A 112 -6.96 -0.11 5.17
N VAL A 113 -6.58 1.13 5.41
CA VAL A 113 -7.23 2.28 4.80
C VAL A 113 -6.49 2.69 3.53
N CYS A 114 -7.19 2.76 2.40
CA CYS A 114 -6.53 3.16 1.17
C CYS A 114 -7.45 3.92 0.24
N LEU A 115 -6.81 4.51 -0.77
CA LEU A 115 -7.45 5.30 -1.82
C LEU A 115 -7.82 4.24 -2.85
N PHE A 116 -9.01 4.33 -3.45
CA PHE A 116 -9.38 3.33 -4.45
C PHE A 116 -8.32 3.40 -5.55
N GLY A 117 -7.89 4.62 -5.86
CA GLY A 117 -6.88 4.85 -6.88
C GLY A 117 -5.47 4.32 -6.64
N ASP A 118 -5.22 3.68 -5.48
CA ASP A 118 -3.90 3.10 -5.23
C ASP A 118 -3.74 1.89 -6.14
N TRP A 119 -4.85 1.45 -6.73
CA TRP A 119 -4.88 0.30 -7.65
C TRP A 119 -4.87 0.82 -9.09
N ASN A 120 -4.65 2.12 -9.27
CA ASN A 120 -4.58 2.70 -10.61
C ASN A 120 -3.26 2.28 -11.21
N THR A 121 -3.18 2.26 -12.55
CA THR A 121 -1.92 1.92 -13.23
C THR A 121 -1.19 3.23 -13.57
N ASN A 122 0.08 3.13 -13.93
CA ASN A 122 0.89 4.31 -14.24
C ASN A 122 0.77 4.72 -15.71
N ASP A 123 -0.40 4.53 -16.30
CA ASP A 123 -0.52 4.83 -17.73
C ASP A 123 -1.49 5.87 -18.26
N GLY A 124 -2.24 6.56 -17.39
CA GLY A 124 -3.15 7.57 -17.91
C GLY A 124 -4.52 7.12 -18.43
N THR A 125 -4.96 5.92 -18.10
CA THR A 125 -6.30 5.48 -18.54
C THR A 125 -7.30 6.37 -17.80
N VAL A 126 -7.15 6.42 -16.48
CA VAL A 126 -8.02 7.25 -15.65
C VAL A 126 -7.26 8.07 -14.62
N GLN A 127 -7.86 9.16 -14.18
CA GLN A 127 -7.23 9.94 -13.11
C GLN A 127 -7.36 9.08 -11.84
N THR A 128 -6.41 9.22 -10.94
CA THR A 128 -6.37 8.50 -9.68
C THR A 128 -7.42 8.89 -8.65
N ILE A 129 -7.71 10.19 -8.53
CA ILE A 129 -8.68 10.63 -7.54
C ILE A 129 -10.10 10.60 -8.10
N ILE A 130 -11.03 10.03 -7.31
CA ILE A 130 -12.43 9.96 -7.70
C ILE A 130 -13.10 11.20 -7.11
N GLU A 131 -13.12 12.26 -7.91
CA GLU A 131 -13.68 13.52 -7.50
C GLU A 131 -15.17 13.58 -7.30
N ASP A 132 -15.54 14.36 -6.29
CA ASP A 132 -16.92 14.58 -5.91
C ASP A 132 -17.65 15.15 -7.11
N PRO A 133 -18.70 14.46 -7.60
CA PRO A 133 -19.45 14.96 -8.77
C PRO A 133 -20.67 15.78 -8.43
N TRP A 134 -20.97 15.91 -7.15
CA TRP A 134 -22.18 16.60 -6.73
C TRP A 134 -22.47 17.90 -7.43
N TYR A 135 -21.51 18.83 -7.49
CA TYR A 135 -21.75 20.12 -8.16
C TYR A 135 -21.53 20.05 -9.66
N GLY A 136 -21.08 18.90 -10.16
CA GLY A 136 -20.86 18.75 -11.59
C GLY A 136 -22.14 18.36 -12.33
N ASP A 137 -22.00 17.54 -13.37
CA ASP A 137 -23.16 17.09 -14.13
C ASP A 137 -23.01 15.61 -14.44
N ILE A 138 -24.04 15.05 -15.07
CA ILE A 138 -24.11 13.64 -15.41
C ILE A 138 -22.80 13.12 -16.01
N GLN A 139 -22.11 13.96 -16.75
CA GLN A 139 -20.81 13.62 -17.32
C GLN A 139 -19.76 13.24 -16.25
N ASP A 140 -19.85 13.90 -15.09
CA ASP A 140 -18.92 13.62 -14.01
C ASP A 140 -19.23 12.26 -13.37
N PHE A 141 -20.51 11.95 -13.29
CA PHE A 141 -20.93 10.67 -12.74
C PHE A 141 -20.48 9.57 -13.68
N GLU A 142 -20.62 9.80 -14.99
CA GLU A 142 -20.18 8.80 -15.98
C GLU A 142 -18.70 8.54 -15.84
N TYR A 143 -17.90 9.60 -15.64
CA TYR A 143 -16.45 9.42 -15.49
C TYR A 143 -16.14 8.67 -14.19
N ASN A 144 -16.87 8.99 -13.11
CA ASN A 144 -16.68 8.26 -11.83
C ASN A 144 -16.92 6.75 -12.11
N PHE A 145 -17.97 6.43 -12.86
CA PHE A 145 -18.31 5.04 -13.20
C PHE A 145 -17.12 4.37 -13.90
N LYS A 146 -16.57 5.06 -14.87
CA LYS A 146 -15.42 4.52 -15.62
C LYS A 146 -14.24 4.27 -14.70
N GLN A 147 -13.98 5.22 -13.80
CA GLN A 147 -12.88 5.11 -12.84
C GLN A 147 -13.06 3.93 -11.90
N ILE A 148 -14.23 3.84 -11.27
CA ILE A 148 -14.52 2.79 -10.32
C ILE A 148 -14.47 1.41 -10.96
N THR A 149 -15.02 1.29 -12.17
CA THR A 149 -15.00 0.02 -12.87
C THR A 149 -13.54 -0.41 -13.06
N TYR A 150 -12.73 0.51 -13.54
CA TYR A 150 -11.33 0.21 -13.78
C TYR A 150 -10.59 -0.22 -12.51
N PHE A 151 -10.78 0.49 -11.41
CA PHE A 151 -10.07 0.10 -10.18
C PHE A 151 -10.65 -1.19 -9.58
N SER A 152 -11.94 -1.43 -9.80
CA SER A 152 -12.52 -2.68 -9.27
C SER A 152 -11.83 -3.89 -9.89
N LYS A 153 -11.56 -3.78 -11.18
CA LYS A 153 -10.89 -4.84 -11.92
C LYS A 153 -9.46 -5.01 -11.50
N GLN A 154 -8.75 -3.90 -11.30
CA GLN A 154 -7.36 -4.01 -10.87
C GLN A 154 -7.32 -4.62 -9.48
N PHE A 155 -8.28 -4.25 -8.64
CA PHE A 155 -8.31 -4.79 -7.29
C PHE A 155 -8.50 -6.30 -7.36
N LEU A 156 -9.51 -6.74 -8.11
CA LEU A 156 -9.78 -8.19 -8.20
C LEU A 156 -8.60 -8.92 -8.77
N LYS A 157 -7.87 -8.22 -9.64
CA LYS A 157 -6.69 -8.77 -10.28
C LYS A 157 -5.52 -8.90 -9.32
N LYS A 158 -5.29 -7.88 -8.50
CA LYS A 158 -4.13 -7.90 -7.61
C LYS A 158 -4.32 -8.36 -6.18
N GLU A 159 -5.53 -8.29 -5.65
CA GLU A 159 -5.76 -8.68 -4.24
C GLU A 159 -6.21 -10.13 -3.96
N LEU A 160 -6.60 -10.86 -5.01
CA LEU A 160 -7.04 -12.23 -4.81
C LEU A 160 -6.14 -13.21 -5.55
N LYS B 4 22.98 16.74 -9.44
CA LYS B 4 22.30 15.42 -9.49
C LYS B 4 20.94 15.49 -8.80
N PRO B 5 19.97 14.71 -9.28
CA PRO B 5 18.64 14.74 -8.64
C PRO B 5 18.73 13.95 -7.33
N LYS B 6 17.83 14.22 -6.39
CA LYS B 6 17.81 13.49 -5.11
C LYS B 6 17.30 12.07 -5.37
N ILE B 7 17.96 11.05 -4.85
CA ILE B 7 17.41 9.73 -5.09
C ILE B 7 16.45 9.28 -4.00
N SER B 8 15.69 8.25 -4.36
CA SER B 8 14.72 7.61 -3.47
C SER B 8 15.01 6.10 -3.50
N VAL B 9 15.08 5.50 -2.34
CA VAL B 9 15.40 4.09 -2.23
C VAL B 9 14.32 3.38 -1.40
N ALA B 10 14.00 2.14 -1.78
CA ALA B 10 13.00 1.36 -1.01
C ALA B 10 13.61 0.01 -0.83
N PHE B 11 13.56 -0.49 0.40
CA PHE B 11 14.10 -1.79 0.75
C PHE B 11 12.89 -2.74 0.85
N ILE B 12 13.06 -3.96 0.37
CA ILE B 12 11.97 -4.92 0.35
C ILE B 12 12.38 -6.27 0.88
N CYS B 13 11.52 -6.85 1.71
CA CYS B 13 11.71 -8.23 2.19
C CYS B 13 10.29 -8.88 2.03
N LEU B 14 10.10 -10.10 2.50
CA LEU B 14 8.80 -10.76 2.34
C LEU B 14 7.69 -10.09 3.14
N GLY B 15 7.88 -9.98 4.45
CA GLY B 15 6.84 -9.37 5.25
C GLY B 15 7.03 -7.96 5.74
N ASN B 16 8.12 -7.29 5.37
CA ASN B 16 8.41 -5.92 5.88
C ASN B 16 8.27 -6.01 7.42
N PHE B 17 8.83 -7.06 8.00
CA PHE B 17 8.67 -7.28 9.43
C PHE B 17 9.97 -7.46 10.20
N CYS B 18 10.91 -8.20 9.64
CA CYS B 18 12.19 -8.43 10.29
C CYS B 18 13.30 -7.65 9.58
N ARG B 19 13.53 -8.01 8.32
CA ARG B 19 14.59 -7.43 7.51
C ARG B 19 14.54 -6.04 6.90
N SER B 20 13.56 -5.78 6.03
CA SER B 20 13.52 -4.48 5.38
C SER B 20 13.35 -3.27 6.35
N PRO B 21 12.59 -3.43 7.46
CA PRO B 21 12.49 -2.26 8.37
C PRO B 21 13.89 -1.95 8.98
N MET B 22 14.68 -3.00 9.18
CA MET B 22 16.01 -2.88 9.72
C MET B 22 16.93 -2.22 8.70
N ALA B 23 16.74 -2.56 7.43
CA ALA B 23 17.56 -1.98 6.36
C ALA B 23 17.20 -0.51 6.21
N GLU B 24 15.93 -0.17 6.33
CA GLU B 24 15.56 1.23 6.19
C GLU B 24 16.14 2.09 7.33
N ALA B 25 16.12 1.55 8.54
CA ALA B 25 16.60 2.24 9.75
C ALA B 25 18.12 2.44 9.72
N ILE B 26 18.85 1.37 9.44
CA ILE B 26 20.29 1.42 9.38
C ILE B 26 20.71 2.39 8.25
N PHE B 27 20.04 2.31 7.09
CA PHE B 27 20.38 3.17 5.96
C PHE B 27 20.14 4.66 6.30
N LYS B 28 19.00 4.97 6.88
CA LYS B 28 18.72 6.34 7.24
C LYS B 28 19.82 6.87 8.17
N HIS B 29 20.27 5.98 9.04
CA HIS B 29 21.29 6.24 10.03
C HIS B 29 22.66 6.56 9.42
N GLU B 30 23.10 5.72 8.48
CA GLU B 30 24.40 5.96 7.87
C GLU B 30 24.33 7.22 7.01
N VAL B 31 23.15 7.57 6.55
CA VAL B 31 23.04 8.74 5.72
C VAL B 31 23.20 9.95 6.63
N GLU B 32 22.45 9.98 7.73
CA GLU B 32 22.55 11.10 8.68
C GLU B 32 24.00 11.26 9.16
N LYS B 33 24.67 10.13 9.39
CA LYS B 33 26.05 10.13 9.85
C LYS B 33 27.01 10.71 8.83
N ALA B 34 26.79 10.43 7.56
CA ALA B 34 27.67 10.96 6.51
C ALA B 34 27.18 12.35 6.15
N ASN B 35 26.04 12.68 6.74
CA ASN B 35 25.36 13.94 6.51
C ASN B 35 24.91 14.12 5.08
N LEU B 36 24.57 12.99 4.43
CA LEU B 36 24.13 13.00 3.04
C LEU B 36 22.62 13.13 2.84
N GLU B 37 21.90 13.62 3.85
CA GLU B 37 20.46 13.75 3.73
C GLU B 37 19.99 14.56 2.54
N ASN B 38 20.77 15.55 2.14
CA ASN B 38 20.37 16.39 1.03
C ASN B 38 20.37 15.64 -0.30
N ARG B 39 21.08 14.50 -0.32
CA ARG B 39 21.16 13.70 -1.52
C ARG B 39 19.97 12.75 -1.69
N PHE B 40 19.11 12.66 -0.68
CA PHE B 40 18.01 11.72 -0.79
C PHE B 40 16.67 12.36 -0.70
N ASN B 41 15.69 11.73 -1.32
CA ASN B 41 14.35 12.26 -1.26
C ASN B 41 13.51 11.32 -0.39
N LYS B 42 13.29 10.07 -0.81
CA LYS B 42 12.51 9.15 0.03
C LYS B 42 13.33 7.91 0.35
N ILE B 43 13.25 7.42 1.58
CA ILE B 43 13.94 6.18 1.97
C ILE B 43 12.83 5.40 2.70
N ASP B 44 12.42 4.27 2.13
CA ASP B 44 11.32 3.50 2.71
C ASP B 44 11.55 2.00 2.66
N SER B 45 10.62 1.27 3.26
CA SER B 45 10.69 -0.18 3.23
C SER B 45 9.27 -0.71 3.08
N PHE B 46 9.13 -1.77 2.30
CA PHE B 46 7.82 -2.41 2.04
C PHE B 46 8.04 -3.91 2.03
N GLY B 47 6.95 -4.68 1.99
CA GLY B 47 7.07 -6.12 1.92
C GLY B 47 6.28 -6.56 0.68
N THR B 48 6.54 -7.75 0.14
CA THR B 48 5.77 -8.22 -1.01
C THR B 48 4.39 -8.73 -0.54
N SER B 49 4.33 -9.31 0.66
CA SER B 49 3.04 -9.78 1.17
C SER B 49 2.38 -8.73 2.03
N ASN B 50 1.10 -8.91 2.39
CA ASN B 50 0.40 -7.91 3.22
C ASN B 50 0.07 -8.42 4.60
N TYR B 51 0.72 -9.52 4.96
CA TYR B 51 0.52 -10.21 6.23
C TYR B 51 0.84 -9.46 7.51
N HIS B 52 1.69 -8.44 7.43
CA HIS B 52 2.05 -7.65 8.61
C HIS B 52 1.81 -6.19 8.37
N VAL B 53 0.95 -5.88 7.41
CA VAL B 53 0.65 -4.49 7.14
C VAL B 53 0.07 -3.92 8.44
N GLY B 54 0.51 -2.70 8.76
CA GLY B 54 0.02 -2.06 9.95
C GLY B 54 0.75 -2.46 11.20
N GLU B 55 1.55 -3.52 11.16
CA GLU B 55 2.29 -3.97 12.36
C GLU B 55 3.67 -3.36 12.53
N SER B 56 4.10 -3.24 13.78
CA SER B 56 5.43 -2.70 14.08
C SER B 56 6.40 -3.84 13.85
N PRO B 57 7.71 -3.54 13.67
CA PRO B 57 8.63 -4.65 13.42
C PRO B 57 8.81 -5.65 14.52
N ASP B 58 9.36 -6.79 14.12
CA ASP B 58 9.69 -7.86 15.04
C ASP B 58 10.46 -7.23 16.25
N HIS B 59 10.10 -7.65 17.46
CA HIS B 59 10.75 -7.15 18.66
C HIS B 59 12.28 -7.31 18.62
N ARG B 60 12.75 -8.42 18.07
CA ARG B 60 14.18 -8.70 17.95
C ARG B 60 14.87 -7.75 16.96
N THR B 61 14.14 -7.28 15.95
CA THR B 61 14.75 -6.36 15.01
C THR B 61 14.89 -5.03 15.76
N VAL B 62 13.83 -4.63 16.45
CA VAL B 62 13.87 -3.39 17.23
C VAL B 62 14.98 -3.45 18.29
N SER B 63 15.07 -4.57 19.00
CA SER B 63 16.08 -4.74 20.04
C SER B 63 17.50 -4.55 19.52
N ILE B 64 17.80 -5.22 18.40
CA ILE B 64 19.13 -5.13 17.81
C ILE B 64 19.43 -3.68 17.39
N CYS B 65 18.43 -3.00 16.83
CA CYS B 65 18.63 -1.62 16.41
C CYS B 65 18.94 -0.77 17.63
N LYS B 66 18.09 -0.88 18.65
CA LYS B 66 18.27 -0.13 19.87
C LYS B 66 19.69 -0.41 20.44
N GLN B 67 20.10 -1.67 20.42
CA GLN B 67 21.39 -2.08 20.93
C GLN B 67 22.56 -1.38 20.24
N HIS B 68 22.36 -0.94 19.00
CA HIS B 68 23.42 -0.28 18.25
C HIS B 68 23.09 1.20 18.09
N GLY B 69 22.13 1.70 18.86
CA GLY B 69 21.84 3.11 18.78
C GLY B 69 21.27 3.57 17.46
N VAL B 70 20.55 2.68 16.79
CA VAL B 70 19.91 3.06 15.54
C VAL B 70 18.43 3.27 15.84
N LYS B 71 17.86 4.40 15.43
CA LYS B 71 16.44 4.66 15.68
C LYS B 71 15.54 3.90 14.69
N ILE B 72 14.41 3.40 15.17
CA ILE B 72 13.50 2.69 14.30
C ILE B 72 12.06 2.92 14.69
N ASN B 73 11.27 3.37 13.72
CA ASN B 73 9.84 3.63 13.89
C ASN B 73 9.12 3.28 12.58
N HIS B 74 8.40 2.15 12.55
CA HIS B 74 7.76 1.73 11.31
C HIS B 74 6.50 0.88 11.53
N LYS B 75 5.62 0.90 10.53
CA LYS B 75 4.39 0.11 10.54
C LYS B 75 4.47 -0.59 9.19
N GLY B 76 4.22 -1.89 9.17
CA GLY B 76 4.33 -2.61 7.90
C GLY B 76 3.45 -2.12 6.77
N LYS B 77 3.98 -2.10 5.55
CA LYS B 77 3.22 -1.68 4.35
C LYS B 77 3.63 -2.57 3.18
N GLN B 78 2.78 -2.67 2.18
CA GLN B 78 3.07 -3.52 1.04
C GLN B 78 3.39 -2.74 -0.22
N ILE B 79 4.32 -3.25 -1.01
CA ILE B 79 4.66 -2.53 -2.21
C ILE B 79 3.48 -2.62 -3.16
N LYS B 80 3.36 -1.60 -4.00
CA LYS B 80 2.31 -1.48 -5.03
C LYS B 80 3.01 -1.15 -6.33
N THR B 81 2.43 -1.54 -7.46
CA THR B 81 3.05 -1.25 -8.77
C THR B 81 3.39 0.25 -8.96
N LYS B 82 2.61 1.14 -8.38
CA LYS B 82 2.93 2.57 -8.53
C LYS B 82 4.33 2.89 -8.02
N HIS B 83 4.76 2.18 -6.98
CA HIS B 83 6.08 2.42 -6.39
C HIS B 83 7.22 2.22 -7.37
N PHE B 84 6.98 1.46 -8.42
CA PHE B 84 8.05 1.22 -9.38
C PHE B 84 8.35 2.49 -10.17
N ASP B 85 7.47 3.47 -10.09
CA ASP B 85 7.77 4.70 -10.77
C ASP B 85 8.21 5.77 -9.79
N GLU B 86 8.03 5.53 -8.51
CA GLU B 86 8.40 6.51 -7.49
C GLU B 86 9.82 6.40 -6.95
N TYR B 87 10.45 5.22 -7.04
CA TYR B 87 11.80 5.01 -6.52
C TYR B 87 12.82 4.72 -7.58
N ASP B 88 14.04 5.14 -7.34
CA ASP B 88 15.11 4.92 -8.29
C ASP B 88 15.72 3.57 -8.07
N TYR B 89 15.68 3.12 -6.81
CA TYR B 89 16.19 1.80 -6.43
C TYR B 89 15.20 1.06 -5.54
N ILE B 90 14.91 -0.19 -5.89
CA ILE B 90 14.03 -1.05 -5.11
C ILE B 90 14.97 -2.20 -4.81
N ILE B 91 15.34 -2.31 -3.53
CA ILE B 91 16.32 -3.29 -3.09
C ILE B 91 15.79 -4.46 -2.26
N GLY B 92 15.95 -5.65 -2.80
CA GLY B 92 15.49 -6.85 -2.13
C GLY B 92 16.54 -7.49 -1.26
N MET B 93 16.09 -8.33 -0.33
CA MET B 93 17.00 -8.98 0.60
C MET B 93 17.55 -10.30 0.08
N ASP B 94 16.67 -11.16 -0.45
CA ASP B 94 17.17 -12.44 -0.99
C ASP B 94 16.64 -12.65 -2.41
N GLU B 95 17.04 -13.73 -3.06
CA GLU B 95 16.61 -13.98 -4.44
C GLU B 95 15.11 -14.17 -4.62
N SER B 96 14.44 -14.72 -3.62
CA SER B 96 12.99 -14.92 -3.74
C SER B 96 12.31 -13.59 -3.75
N ASN B 97 12.90 -12.58 -3.12
CA ASN B 97 12.29 -11.26 -3.13
C ASN B 97 12.42 -10.71 -4.53
N ILE B 98 13.58 -10.95 -5.13
CA ILE B 98 13.86 -10.41 -6.47
C ILE B 98 12.95 -11.05 -7.52
N ASN B 99 12.75 -12.36 -7.44
CA ASN B 99 11.85 -13.04 -8.39
C ASN B 99 10.43 -12.42 -8.37
N ASN B 100 9.85 -12.27 -7.20
CA ASN B 100 8.53 -11.68 -7.07
C ASN B 100 8.46 -10.22 -7.55
N LEU B 101 9.53 -9.46 -7.32
CA LEU B 101 9.52 -8.06 -7.71
C LEU B 101 9.60 -7.96 -9.23
N LYS B 102 10.42 -8.80 -9.83
CA LYS B 102 10.55 -8.77 -11.28
C LYS B 102 9.22 -9.15 -11.95
N LYS B 103 8.46 -10.06 -11.34
CA LYS B 103 7.18 -10.48 -11.93
C LYS B 103 6.16 -9.35 -11.88
N ILE B 104 6.13 -8.57 -10.81
CA ILE B 104 5.15 -7.49 -10.74
C ILE B 104 5.64 -6.17 -11.36
N GLN B 105 6.92 -6.10 -11.72
CA GLN B 105 7.44 -4.86 -12.25
C GLN B 105 6.95 -4.47 -13.62
N PRO B 106 6.36 -3.28 -13.74
CA PRO B 106 5.86 -2.78 -15.03
C PRO B 106 7.01 -2.52 -16.02
N GLU B 107 6.83 -2.90 -17.29
CA GLU B 107 7.89 -2.68 -18.27
C GLU B 107 8.24 -1.18 -18.39
N GLY B 108 9.53 -0.89 -18.56
CA GLY B 108 9.95 0.50 -18.67
C GLY B 108 9.57 1.36 -17.46
N SER B 109 9.64 0.77 -16.28
CA SER B 109 9.34 1.56 -15.09
C SER B 109 10.70 2.11 -14.66
N LYS B 110 10.66 3.20 -13.92
CA LYS B 110 11.90 3.85 -13.49
C LYS B 110 12.77 3.01 -12.55
N ALA B 111 12.18 2.40 -11.53
CA ALA B 111 12.94 1.62 -10.57
C ALA B 111 13.93 0.59 -11.09
N LYS B 112 15.11 0.53 -10.47
CA LYS B 112 16.14 -0.47 -10.81
C LYS B 112 15.96 -1.45 -9.66
N VAL B 113 15.74 -2.73 -9.98
CA VAL B 113 15.50 -3.73 -8.94
C VAL B 113 16.75 -4.54 -8.70
N CYS B 114 17.26 -4.52 -7.48
CA CYS B 114 18.47 -5.27 -7.17
C CYS B 114 18.52 -5.88 -5.78
N LEU B 115 19.51 -6.75 -5.61
CA LEU B 115 19.82 -7.41 -4.38
C LEU B 115 20.69 -6.39 -3.61
N PHE B 116 20.46 -6.24 -2.30
CA PHE B 116 21.26 -5.30 -1.51
C PHE B 116 22.71 -5.77 -1.62
N GLY B 117 22.88 -7.09 -1.66
CA GLY B 117 24.20 -7.67 -1.78
C GLY B 117 24.89 -7.53 -3.14
N ASP B 118 24.34 -6.76 -4.06
CA ASP B 118 25.01 -6.57 -5.34
C ASP B 118 26.16 -5.60 -5.07
N TRP B 119 26.09 -4.97 -3.90
CA TRP B 119 27.09 -4.00 -3.48
C TRP B 119 28.13 -4.65 -2.59
N ASN B 120 28.12 -5.98 -2.53
CA ASN B 120 29.10 -6.68 -1.71
C ASN B 120 30.48 -6.61 -2.39
N THR B 121 31.53 -6.73 -1.60
CA THR B 121 32.87 -6.69 -2.15
C THR B 121 33.34 -8.11 -2.32
N ASN B 122 32.65 -9.03 -1.66
CA ASN B 122 32.99 -10.43 -1.78
C ASN B 122 34.45 -10.63 -1.43
N ASP B 123 34.89 -9.92 -0.40
CA ASP B 123 36.25 -10.05 0.05
C ASP B 123 36.16 -11.10 1.17
N GLY B 124 34.93 -11.47 1.49
CA GLY B 124 34.68 -12.46 2.53
C GLY B 124 34.21 -11.87 3.84
N THR B 125 34.07 -10.55 3.93
CA THR B 125 33.62 -9.95 5.18
C THR B 125 32.21 -10.45 5.48
N VAL B 126 31.30 -10.36 4.50
CA VAL B 126 29.94 -10.84 4.72
C VAL B 126 29.39 -11.66 3.56
N GLN B 127 28.33 -12.43 3.82
CA GLN B 127 27.70 -13.22 2.75
C GLN B 127 26.82 -12.27 2.01
N THR B 128 26.63 -12.58 0.74
CA THR B 128 25.81 -11.76 -0.13
C THR B 128 24.31 -11.74 0.18
N ILE B 129 23.73 -12.88 0.57
CA ILE B 129 22.28 -12.92 0.79
C ILE B 129 21.90 -12.66 2.19
N ILE B 130 20.94 -11.76 2.37
CA ILE B 130 20.43 -11.40 3.67
C ILE B 130 19.25 -12.34 3.97
N GLU B 131 19.58 -13.44 4.63
CA GLU B 131 18.63 -14.48 4.98
C GLU B 131 17.62 -14.12 6.04
N ASP B 132 16.41 -14.63 5.84
CA ASP B 132 15.30 -14.39 6.72
C ASP B 132 15.69 -14.92 8.09
N PRO B 133 15.63 -14.06 9.09
CA PRO B 133 15.99 -14.50 10.45
C PRO B 133 14.80 -14.95 11.31
N TRP B 134 13.58 -14.82 10.80
CA TRP B 134 12.41 -15.18 11.63
C TRP B 134 12.46 -16.47 12.39
N TYR B 135 12.82 -17.57 11.76
CA TYR B 135 12.88 -18.84 12.51
C TYR B 135 14.20 -18.99 13.28
N GLY B 136 15.10 -18.02 13.15
CA GLY B 136 16.36 -18.14 13.85
C GLY B 136 16.33 -17.52 15.23
N ASP B 137 17.48 -17.03 15.67
CA ASP B 137 17.57 -16.39 16.97
C ASP B 137 18.26 -15.02 16.86
N ILE B 138 18.32 -14.31 17.98
CA ILE B 138 18.90 -12.98 18.02
C ILE B 138 20.22 -12.88 17.27
N GLN B 139 20.95 -13.95 17.27
CA GLN B 139 22.19 -13.99 16.58
C GLN B 139 22.07 -13.74 15.08
N ASP B 140 20.98 -14.23 14.49
CA ASP B 140 20.75 -14.07 13.07
C ASP B 140 20.40 -12.64 12.74
N PHE B 141 19.70 -11.99 13.66
CA PHE B 141 19.35 -10.59 13.50
C PHE B 141 20.63 -9.75 13.57
N GLU B 142 21.50 -10.11 14.52
CA GLU B 142 22.77 -9.42 14.67
C GLU B 142 23.54 -9.52 13.36
N TYR B 143 23.58 -10.71 12.77
CA TYR B 143 24.28 -10.85 11.50
C TYR B 143 23.63 -10.03 10.38
N ASN B 144 22.30 -9.97 10.34
CA ASN B 144 21.62 -9.18 9.32
C ASN B 144 22.10 -7.71 9.51
N PHE B 145 22.12 -7.25 10.76
CA PHE B 145 22.57 -5.88 11.08
C PHE B 145 23.96 -5.58 10.48
N LYS B 146 24.89 -6.51 10.70
CA LYS B 146 26.26 -6.42 10.19
C LYS B 146 26.26 -6.32 8.65
N GLN B 147 25.49 -7.18 8.00
CA GLN B 147 25.39 -7.19 6.54
C GLN B 147 24.86 -5.91 5.97
N ILE B 148 23.73 -5.47 6.51
CA ILE B 148 23.07 -4.28 6.03
C ILE B 148 23.94 -3.02 6.23
N THR B 149 24.64 -2.97 7.35
CA THR B 149 25.51 -1.84 7.66
C THR B 149 26.57 -1.76 6.58
N TYR B 150 27.19 -2.90 6.35
CA TYR B 150 28.23 -3.01 5.35
C TYR B 150 27.75 -2.59 3.94
N PHE B 151 26.63 -3.14 3.46
CA PHE B 151 26.14 -2.81 2.12
C PHE B 151 25.67 -1.38 2.06
N SER B 152 25.19 -0.83 3.17
CA SER B 152 24.74 0.57 3.15
C SER B 152 25.94 1.48 2.82
N LYS B 153 27.09 1.15 3.41
CA LYS B 153 28.33 1.92 3.23
C LYS B 153 28.85 1.81 1.81
N GLN B 154 28.80 0.59 1.26
CA GLN B 154 29.25 0.38 -0.12
C GLN B 154 28.35 1.14 -1.06
N PHE B 155 27.06 1.11 -0.79
CA PHE B 155 26.13 1.80 -1.65
C PHE B 155 26.45 3.30 -1.70
N LEU B 156 26.54 3.90 -0.51
CA LEU B 156 26.84 5.33 -0.38
C LEU B 156 28.15 5.68 -1.09
N LYS B 157 29.13 4.79 -0.96
CA LYS B 157 30.44 4.97 -1.57
C LYS B 157 30.42 4.76 -3.09
N LYS B 158 29.58 3.86 -3.57
CA LYS B 158 29.51 3.54 -4.99
C LYS B 158 28.46 4.27 -5.82
N GLU B 159 27.35 4.69 -5.24
CA GLU B 159 26.33 5.35 -6.04
C GLU B 159 26.16 6.84 -5.87
N LEU B 160 26.98 7.47 -5.03
CA LEU B 160 26.79 8.89 -4.86
C LEU B 160 27.77 9.68 -5.70
N1 EPE C . -22.78 15.24 -0.71
C2 EPE C . -22.18 16.37 -0.03
C3 EPE C . -23.32 17.12 0.70
N4 EPE C . -24.38 17.58 -0.24
C5 EPE C . -24.89 16.40 -1.02
C6 EPE C . -23.76 15.67 -1.74
C7 EPE C . -25.45 18.27 0.51
C8 EPE C . -26.60 18.78 -0.33
O8 EPE C . -26.26 19.70 -1.37
C9 EPE C . -21.99 14.04 -0.99
C10 EPE C . -20.95 13.98 -2.08
S EPE C . -20.46 12.25 -1.99
O1S EPE C . -21.64 11.47 -1.56
O2S EPE C . -19.95 11.82 -3.28
O3S EPE C . -19.42 12.20 -0.96
N1 EPE D . 7.56 -12.89 8.27
C2 EPE D . 7.10 -14.10 7.57
C3 EPE D . 5.74 -14.47 8.17
N4 EPE D . 5.78 -14.70 9.67
C5 EPE D . 6.44 -13.52 10.34
C6 EPE D . 7.78 -13.17 9.72
C7 EPE D . 4.34 -14.80 10.12
C8 EPE D . 4.10 -14.96 11.61
O8 EPE D . 4.67 -16.13 12.22
C9 EPE D . 8.49 -11.96 7.62
C10 EPE D . 9.95 -12.34 7.43
S EPE D . 10.70 -10.82 6.76
O1S EPE D . 9.94 -9.70 7.23
O2S EPE D . 12.10 -10.80 7.20
O3S EPE D . 10.61 -10.95 5.30
#